data_5A3O
#
_entry.id   5A3O
#
_cell.length_a   44.954
_cell.length_b   51.111
_cell.length_c   52.348
_cell.angle_alpha   101.80
_cell.angle_beta   99.40
_cell.angle_gamma   115.95
#
_symmetry.space_group_name_H-M   'P 1'
#
loop_
_entity.id
_entity.type
_entity.pdbx_description
1 polymer 'FUCOSE-BINDING LECTIN PA-IIL'
2 non-polymer 'CALCIUM ION'
3 non-polymer 'methyl alpha-D-mannopyranoside'
4 non-polymer CINNAMIDE
5 non-polymer 'CHLORIDE ION'
6 water water
#
_entity_poly.entity_id   1
_entity_poly.type   'polypeptide(L)'
_entity_poly.pdbx_seq_one_letter_code
;ATQGVFTLPANTRFGVTAFANSSGTQTVNVLVNNETAATFSGQSTNNAVIGTQVLNSGSSGKVQVQVSVNGRPSDLVSAQ
VILTNELNFALVGSEDGTDNDYNDAVVVINWPLG
;
_entity_poly.pdbx_strand_id   A,B,C,D
#
# COMPACT_ATOMS: atom_id res chain seq x y z
N ALA A 1 -4.45 6.27 -16.14
CA ALA A 1 -4.22 7.30 -15.06
C ALA A 1 -2.76 7.69 -14.98
N THR A 2 -2.51 8.94 -14.60
CA THR A 2 -1.11 9.38 -14.47
C THR A 2 -0.38 8.54 -13.39
N GLN A 3 0.90 8.23 -13.62
CA GLN A 3 1.66 7.36 -12.76
C GLN A 3 3.02 7.97 -12.64
N GLY A 4 3.70 7.75 -11.52
CA GLY A 4 5.01 8.32 -11.31
C GLY A 4 5.09 9.77 -10.90
N VAL A 5 3.97 10.38 -10.55
CA VAL A 5 3.93 11.75 -10.05
C VAL A 5 3.44 11.74 -8.60
N PHE A 6 4.14 12.41 -7.70
CA PHE A 6 3.83 12.39 -6.27
C PHE A 6 3.87 13.78 -5.69
N THR A 7 2.88 14.14 -4.89
CA THR A 7 2.98 15.37 -4.14
C THR A 7 3.54 15.07 -2.75
N LEU A 8 4.78 15.50 -2.51
CA LEU A 8 5.39 15.35 -1.18
C LEU A 8 5.09 16.60 -0.38
N PRO A 9 5.28 16.52 0.95
CA PRO A 9 5.26 17.77 1.68
C PRO A 9 6.31 18.67 1.09
N ALA A 10 5.98 19.98 0.98
CA ALA A 10 6.90 20.96 0.44
C ALA A 10 8.19 21.06 1.29
N ASN A 11 9.25 21.48 0.59
CA ASN A 11 10.54 21.80 1.20
C ASN A 11 11.07 20.70 2.10
N THR A 12 10.98 19.46 1.60
CA THR A 12 11.31 18.28 2.43
C THR A 12 12.38 17.46 1.73
N ARG A 13 13.42 17.09 2.46
CA ARG A 13 14.42 16.17 1.92
C ARG A 13 13.82 14.78 1.80
N PHE A 14 14.11 14.14 0.67
CA PHE A 14 13.63 12.76 0.41
C PHE A 14 14.73 11.98 -0.24
N GLY A 15 14.68 10.66 -0.08
CA GLY A 15 15.57 9.79 -0.78
C GLY A 15 14.93 9.25 -2.03
N VAL A 16 15.71 9.15 -3.09
CA VAL A 16 15.24 8.47 -4.29
C VAL A 16 16.31 7.46 -4.71
N THR A 17 15.87 6.23 -4.99
CA THR A 17 16.76 5.12 -5.25
C THR A 17 16.21 4.26 -6.37
N ALA A 18 17.06 3.87 -7.33
CA ALA A 18 16.63 3.08 -8.44
C ALA A 18 17.37 1.74 -8.50
N PHE A 19 16.61 0.71 -8.92
CA PHE A 19 17.10 -0.64 -9.07
C PHE A 19 16.84 -1.11 -10.47
N ALA A 20 17.76 -1.86 -11.06
CA ALA A 20 17.56 -2.42 -12.42
C ALA A 20 17.42 -3.93 -12.44
N ASN A 21 16.48 -4.38 -13.29
CA ASN A 21 16.22 -5.81 -13.54
C ASN A 21 15.84 -6.03 -14.97
N SER A 22 16.82 -5.92 -15.84
CA SER A 22 16.58 -6.02 -17.27
C SER A 22 17.82 -6.20 -18.04
N SER A 23 17.66 -6.81 -19.21
CA SER A 23 18.78 -6.87 -20.15
C SER A 23 19.17 -5.48 -20.70
N GLY A 24 18.23 -4.55 -20.76
CA GLY A 24 18.50 -3.22 -21.26
C GLY A 24 18.97 -2.22 -20.23
N THR A 25 19.82 -1.28 -20.64
CA THR A 25 20.24 -0.20 -19.76
C THR A 25 19.06 0.74 -19.48
N GLN A 26 18.81 0.94 -18.21
CA GLN A 26 17.73 1.84 -17.77
C GLN A 26 18.24 3.24 -17.56
N THR A 27 17.35 4.20 -17.81
CA THR A 27 17.57 5.60 -17.43
C THR A 27 16.40 6.04 -16.65
N VAL A 28 16.65 6.54 -15.46
CA VAL A 28 15.63 7.04 -14.56
C VAL A 28 15.86 8.54 -14.40
N ASN A 29 14.89 9.37 -14.78
CA ASN A 29 14.95 10.80 -14.48
C ASN A 29 13.99 11.15 -13.39
N VAL A 30 14.46 11.98 -12.48
CA VAL A 30 13.68 12.44 -11.32
C VAL A 30 13.56 13.96 -11.47
N LEU A 31 12.33 14.43 -11.53
CA LEU A 31 12.05 15.86 -11.71
C LEU A 31 11.48 16.40 -10.45
N VAL A 32 11.95 17.57 -10.06
CA VAL A 32 11.34 18.31 -8.99
C VAL A 32 10.91 19.66 -9.54
N ASN A 33 9.65 20.00 -9.25
CA ASN A 33 8.98 21.13 -9.86
C ASN A 33 9.24 21.23 -11.35
N ASN A 34 9.10 20.09 -12.02
CA ASN A 34 9.16 20.03 -13.47
C ASN A 34 10.53 20.26 -14.07
N GLU A 35 11.57 20.13 -13.29
CA GLU A 35 12.92 20.23 -13.83
C GLU A 35 13.71 19.04 -13.36
N THR A 36 14.54 18.47 -14.24
CA THR A 36 15.36 17.31 -13.84
C THR A 36 16.31 17.66 -12.72
N ALA A 37 16.30 16.84 -11.68
CA ALA A 37 17.12 17.04 -10.48
C ALA A 37 18.11 15.89 -10.26
N ALA A 38 17.81 14.71 -10.78
CA ALA A 38 18.71 13.58 -10.73
C ALA A 38 18.46 12.69 -11.95
N THR A 39 19.52 12.01 -12.41
CA THR A 39 19.42 11.04 -13.46
C THR A 39 20.25 9.81 -13.05
N PHE A 40 19.64 8.63 -13.08
CA PHE A 40 20.37 7.41 -12.79
C PHE A 40 20.29 6.50 -13.97
N SER A 41 21.34 5.70 -14.14
CA SER A 41 21.39 4.76 -15.25
C SER A 41 22.29 3.58 -14.95
N GLY A 42 21.91 2.42 -15.49
CA GLY A 42 22.66 1.20 -15.33
C GLY A 42 21.96 0.02 -15.97
N GLN A 43 22.63 -1.12 -15.98
CA GLN A 43 22.11 -2.31 -16.56
C GLN A 43 22.43 -3.48 -15.64
N SER A 44 21.39 -4.16 -15.16
CA SER A 44 21.54 -5.30 -14.29
C SER A 44 20.30 -6.15 -14.38
N THR A 45 20.43 -7.48 -14.26
CA THR A 45 19.30 -8.37 -14.07
C THR A 45 19.29 -8.94 -12.66
N ASN A 46 20.00 -8.29 -11.75
CA ASN A 46 20.12 -8.74 -10.38
C ASN A 46 19.98 -7.61 -9.40
N ASN A 47 19.11 -6.66 -9.72
CA ASN A 47 18.66 -5.63 -8.74
C ASN A 47 19.74 -4.64 -8.33
N ALA A 48 20.72 -4.41 -9.20
CA ALA A 48 21.71 -3.40 -8.85
C ALA A 48 21.08 -2.07 -8.50
N VAL A 49 21.64 -1.43 -7.50
CA VAL A 49 21.24 -0.07 -7.11
C VAL A 49 21.95 0.89 -8.05
N ILE A 50 21.31 1.25 -9.15
CA ILE A 50 21.98 2.06 -10.19
C ILE A 50 22.14 3.51 -9.81
N GLY A 51 21.37 3.98 -8.83
CA GLY A 51 21.55 5.33 -8.29
C GLY A 51 20.81 5.50 -7.00
N THR A 52 21.28 6.41 -6.17
CA THR A 52 20.56 6.83 -4.95
C THR A 52 20.99 8.27 -4.66
N GLN A 53 20.06 9.12 -4.22
CA GLN A 53 20.36 10.55 -4.05
C GLN A 53 19.39 11.10 -3.02
N VAL A 54 19.82 12.15 -2.31
CA VAL A 54 18.93 12.93 -1.48
C VAL A 54 18.56 14.21 -2.27
N LEU A 55 17.28 14.48 -2.37
CA LEU A 55 16.78 15.66 -3.06
C LEU A 55 15.85 16.43 -2.11
N ASN A 56 15.51 17.64 -2.51
CA ASN A 56 14.56 18.49 -1.75
C ASN A 56 13.31 18.69 -2.62
N SER A 57 12.13 18.46 -2.05
CA SER A 57 10.93 18.53 -2.82
C SER A 57 10.55 19.98 -3.24
N GLY A 58 11.20 20.98 -2.62
CA GLY A 58 11.00 22.36 -2.95
C GLY A 58 9.64 22.94 -2.68
N SER A 59 9.33 24.10 -3.30
CA SER A 59 8.12 24.81 -2.90
C SER A 59 6.83 24.13 -3.29
N SER A 60 6.84 23.40 -4.41
CA SER A 60 5.64 22.73 -4.90
C SER A 60 5.42 21.37 -4.28
N GLY A 61 6.48 20.71 -3.88
CA GLY A 61 6.38 19.33 -3.43
C GLY A 61 6.19 18.35 -4.56
N LYS A 62 6.20 18.81 -5.81
CA LYS A 62 5.91 17.92 -6.96
C LYS A 62 7.15 17.14 -7.40
N VAL A 63 7.05 15.81 -7.32
CA VAL A 63 8.15 14.94 -7.74
C VAL A 63 7.67 13.99 -8.79
N GLN A 64 8.39 13.93 -9.92
CA GLN A 64 7.99 13.02 -11.00
C GLN A 64 9.14 12.15 -11.41
N VAL A 65 8.84 10.87 -11.59
CA VAL A 65 9.79 9.87 -12.03
C VAL A 65 9.44 9.47 -13.47
N GLN A 66 10.42 9.49 -14.36
CA GLN A 66 10.29 9.01 -15.73
C GLN A 66 11.36 7.93 -15.93
N VAL A 67 11.02 6.89 -16.70
CA VAL A 67 11.92 5.78 -16.98
C VAL A 67 11.95 5.56 -18.48
N SER A 68 13.15 5.35 -19.03
CA SER A 68 13.30 5.10 -20.45
C SER A 68 14.46 4.16 -20.70
N VAL A 69 14.43 3.49 -21.84
CA VAL A 69 15.56 2.66 -22.24
C VAL A 69 15.97 3.12 -23.62
N ASN A 70 17.19 3.62 -23.76
N ASN A 70 17.16 3.71 -23.70
CA ASN A 70 17.72 4.05 -25.05
CA ASN A 70 17.76 4.18 -24.94
C ASN A 70 16.80 5.04 -25.76
C ASN A 70 16.80 5.03 -25.73
N GLY A 71 16.14 5.96 -25.03
CA GLY A 71 15.21 6.93 -25.68
C GLY A 71 13.74 6.56 -25.73
N ARG A 72 13.43 5.31 -25.45
CA ARG A 72 12.05 4.81 -25.46
C ARG A 72 11.48 4.89 -24.05
N PRO A 73 10.40 5.67 -23.83
CA PRO A 73 9.78 5.61 -22.48
C PRO A 73 9.19 4.23 -22.12
N SER A 74 9.41 3.79 -20.88
CA SER A 74 8.83 2.58 -20.33
C SER A 74 7.48 2.93 -19.75
N ASP A 75 6.64 1.90 -19.65
CA ASP A 75 5.32 2.01 -19.02
C ASP A 75 5.46 1.99 -17.54
N LEU A 76 4.87 2.98 -16.87
CA LEU A 76 4.97 3.11 -15.41
C LEU A 76 3.77 2.59 -14.65
N VAL A 77 4.05 2.13 -13.44
CA VAL A 77 3.02 1.89 -12.44
C VAL A 77 3.54 2.46 -11.11
N SER A 78 2.63 2.93 -10.26
CA SER A 78 3.05 3.57 -9.02
C SER A 78 1.98 3.61 -7.98
N ALA A 79 2.40 3.86 -6.73
CA ALA A 79 1.47 4.12 -5.62
C ALA A 79 2.29 4.70 -4.48
N GLN A 80 1.59 5.26 -3.50
N GLN A 80 1.62 5.18 -3.43
CA GLN A 80 2.21 5.78 -2.31
CA GLN A 80 2.30 5.63 -2.22
C GLN A 80 1.60 4.99 -1.17
C GLN A 80 1.75 4.87 -1.04
N VAL A 81 2.45 4.70 -0.18
N VAL A 81 2.61 4.58 -0.05
CA VAL A 81 2.10 4.00 1.05
CA VAL A 81 2.11 3.96 1.13
C VAL A 81 2.68 4.71 2.28
C VAL A 81 2.70 4.66 2.32
N ILE A 82 1.90 4.78 3.36
CA ILE A 82 2.28 5.47 4.61
C ILE A 82 2.08 4.46 5.72
N LEU A 83 3.14 4.26 6.47
CA LEU A 83 3.14 3.39 7.66
C LEU A 83 3.13 4.21 8.93
N THR A 84 2.37 3.72 9.92
CA THR A 84 2.13 4.37 11.24
C THR A 84 1.96 5.88 11.12
N ASN A 85 1.27 6.30 10.06
CA ASN A 85 0.94 7.71 9.85
C ASN A 85 2.15 8.65 9.78
N GLU A 86 3.29 8.11 9.38
CA GLU A 86 4.59 8.82 9.55
C GLU A 86 5.56 8.55 8.44
N LEU A 87 5.73 7.28 8.06
CA LEU A 87 6.79 6.84 7.17
C LEU A 87 6.22 6.68 5.75
N ASN A 88 6.74 7.46 4.80
CA ASN A 88 6.20 7.50 3.47
C ASN A 88 7.08 6.84 2.45
N PHE A 89 6.46 6.09 1.55
CA PHE A 89 7.11 5.55 0.37
C PHE A 89 6.32 5.90 -0.84
N ALA A 90 6.98 6.39 -1.87
CA ALA A 90 6.41 6.46 -3.21
C ALA A 90 7.14 5.43 -4.07
N LEU A 91 6.36 4.57 -4.72
CA LEU A 91 6.87 3.36 -5.34
C LEU A 91 6.60 3.41 -6.84
N VAL A 92 7.61 3.12 -7.64
CA VAL A 92 7.44 3.08 -9.09
C VAL A 92 7.99 1.76 -9.63
N GLY A 93 7.19 1.13 -10.49
CA GLY A 93 7.68 0.05 -11.35
C GLY A 93 7.60 0.50 -12.82
N SER A 94 8.30 -0.24 -13.65
CA SER A 94 8.37 0.09 -15.07
C SER A 94 8.61 -1.14 -15.91
N GLU A 95 8.03 -1.12 -17.11
CA GLU A 95 8.15 -2.24 -18.05
C GLU A 95 8.68 -1.70 -19.35
N ASP A 96 9.80 -2.26 -19.77
CA ASP A 96 10.44 -1.88 -21.01
C ASP A 96 10.18 -2.84 -22.17
N GLY A 97 9.36 -3.85 -21.95
CA GLY A 97 9.35 -5.00 -22.87
C GLY A 97 7.97 -5.61 -22.99
N THR A 98 7.96 -6.92 -23.14
CA THR A 98 6.75 -7.72 -23.32
C THR A 98 6.35 -8.63 -22.16
N ASP A 99 7.26 -8.88 -21.22
CA ASP A 99 6.99 -9.86 -20.16
C ASP A 99 6.14 -9.34 -18.99
N ASN A 100 5.95 -8.02 -18.91
CA ASN A 100 5.16 -7.41 -17.86
C ASN A 100 5.55 -7.83 -16.47
N ASP A 101 6.87 -7.94 -16.27
CA ASP A 101 7.37 -8.10 -14.91
C ASP A 101 7.39 -6.76 -14.15
N TYR A 102 7.40 -5.67 -14.88
CA TYR A 102 7.33 -4.31 -14.29
C TYR A 102 8.41 -3.99 -13.25
N ASN A 103 9.56 -4.68 -13.35
CA ASN A 103 10.69 -4.48 -12.45
C ASN A 103 11.91 -3.97 -13.19
N ASP A 104 11.74 -3.55 -14.45
CA ASP A 104 12.90 -3.35 -15.30
C ASP A 104 13.75 -2.20 -14.73
N ALA A 105 13.04 -1.15 -14.33
CA ALA A 105 13.54 -0.21 -13.33
C ALA A 105 12.53 -0.04 -12.22
N VAL A 106 12.99 -0.21 -10.99
CA VAL A 106 12.17 0.00 -9.81
C VAL A 106 12.68 1.23 -9.11
N VAL A 107 11.80 2.15 -8.74
CA VAL A 107 12.22 3.36 -8.05
C VAL A 107 11.51 3.48 -6.72
N VAL A 108 12.27 3.71 -5.64
CA VAL A 108 11.67 3.95 -4.37
C VAL A 108 12.05 5.35 -3.89
N ILE A 109 11.04 6.10 -3.51
CA ILE A 109 11.17 7.41 -2.89
C ILE A 109 10.76 7.24 -1.43
N ASN A 110 11.56 7.76 -0.50
CA ASN A 110 11.22 7.67 0.93
C ASN A 110 11.46 8.99 1.67
N TRP A 111 10.52 9.33 2.56
CA TRP A 111 10.69 10.44 3.47
C TRP A 111 9.85 10.17 4.73
N PRO A 112 10.10 10.88 5.83
CA PRO A 112 11.16 11.84 6.01
C PRO A 112 12.53 11.16 6.14
N LEU A 113 13.58 11.97 5.98
CA LEU A 113 14.95 11.53 6.24
C LEU A 113 15.38 12.08 7.57
N GLY A 114 16.61 11.72 7.97
CA GLY A 114 17.27 12.28 9.14
C GLY A 114 17.03 11.50 10.42
N ALA B 1 0.57 -6.32 16.46
CA ALA B 1 0.74 -7.34 15.36
C ALA B 1 2.19 -7.57 14.99
N THR B 2 2.50 -8.78 14.56
CA THR B 2 3.83 -9.11 14.10
C THR B 2 4.11 -8.16 12.92
N GLN B 3 5.35 -7.74 12.83
CA GLN B 3 5.78 -6.82 11.77
C GLN B 3 7.14 -7.31 11.29
N GLY B 4 7.43 -7.05 10.04
CA GLY B 4 8.72 -7.38 9.46
C GLY B 4 8.87 -8.82 9.01
N VAL B 5 7.75 -9.56 8.99
CA VAL B 5 7.70 -10.93 8.53
C VAL B 5 6.82 -11.01 7.27
N PHE B 6 7.37 -11.62 6.25
CA PHE B 6 6.71 -11.69 4.95
C PHE B 6 6.80 -13.09 4.36
N THR B 7 5.69 -13.59 3.81
CA THR B 7 5.69 -14.86 3.07
C THR B 7 5.80 -14.54 1.60
N LEU B 8 6.98 -14.80 1.06
CA LEU B 8 7.22 -14.62 -0.34
C LEU B 8 6.85 -15.91 -1.05
N PRO B 9 6.69 -15.86 -2.39
CA PRO B 9 6.61 -17.14 -3.08
C PRO B 9 7.89 -17.94 -2.77
N ALA B 10 7.74 -19.26 -2.63
CA ALA B 10 8.88 -20.14 -2.29
C ALA B 10 10.00 -20.10 -3.33
N ASN B 11 11.22 -20.24 -2.87
CA ASN B 11 12.38 -20.46 -3.74
C ASN B 11 12.61 -19.35 -4.74
N THR B 12 12.31 -18.13 -4.31
CA THR B 12 12.31 -16.97 -5.19
C THR B 12 13.43 -15.98 -4.76
N ARG B 13 14.23 -15.53 -5.71
CA ARG B 13 15.21 -14.50 -5.41
C ARG B 13 14.55 -13.12 -5.19
N PHE B 14 15.04 -12.42 -4.19
CA PHE B 14 14.50 -11.12 -3.81
C PHE B 14 15.62 -10.15 -3.43
N GLY B 15 15.37 -8.87 -3.64
CA GLY B 15 16.29 -7.85 -3.18
C GLY B 15 15.96 -7.45 -1.78
N VAL B 16 16.99 -7.14 -1.00
CA VAL B 16 16.80 -6.50 0.28
C VAL B 16 17.83 -5.39 0.39
N THR B 17 17.34 -4.18 0.64
CA THR B 17 18.23 -2.99 0.70
C THR B 17 17.87 -2.21 1.98
N ALA B 18 18.88 -1.77 2.73
CA ALA B 18 18.65 -1.02 3.94
C ALA B 18 19.25 0.38 3.89
N PHE B 19 18.51 1.33 4.41
CA PHE B 19 18.86 2.73 4.48
C PHE B 19 18.85 3.15 5.95
N ALA B 20 19.76 4.05 6.32
CA ALA B 20 19.88 4.52 7.72
C ALA B 20 19.57 6.04 7.84
N ASN B 21 18.82 6.38 8.87
CA ASN B 21 18.51 7.78 9.20
C ASN B 21 18.45 7.94 10.73
N SER B 22 19.60 7.92 11.39
CA SER B 22 19.63 7.94 12.84
C SER B 22 21.03 8.23 13.34
N SER B 23 21.13 8.78 14.54
N SER B 23 21.13 8.78 14.54
CA SER B 23 22.42 8.87 15.19
CA SER B 23 22.44 8.87 15.18
C SER B 23 22.95 7.50 15.62
C SER B 23 22.96 7.50 15.59
N GLY B 24 22.07 6.55 15.83
CA GLY B 24 22.45 5.21 16.26
C GLY B 24 22.98 4.38 15.12
N THR B 25 23.98 3.55 15.37
CA THR B 25 24.41 2.60 14.36
C THR B 25 23.31 1.54 14.29
N GLN B 26 22.85 1.29 13.08
CA GLN B 26 21.77 0.34 12.83
C GLN B 26 22.31 -1.03 12.47
N THR B 27 21.75 -2.08 13.08
CA THR B 27 22.05 -3.45 12.68
C THR B 27 20.74 -4.06 12.15
N VAL B 28 20.78 -4.50 10.89
CA VAL B 28 19.63 -5.10 10.25
C VAL B 28 19.95 -6.54 10.00
N ASN B 29 19.12 -7.46 10.50
CA ASN B 29 19.29 -8.88 10.20
C ASN B 29 18.16 -9.36 9.33
N VAL B 30 18.48 -10.14 8.31
CA VAL B 30 17.44 -10.65 7.40
C VAL B 30 17.52 -12.16 7.54
N LEU B 31 16.38 -12.77 7.93
CA LEU B 31 16.30 -14.19 8.14
C LEU B 31 15.50 -14.84 7.03
N VAL B 32 15.98 -16.02 6.60
CA VAL B 32 15.27 -16.88 5.67
C VAL B 32 15.42 -18.25 6.24
N ASN B 33 14.38 -19.03 6.20
CA ASN B 33 14.47 -20.38 6.75
C ASN B 33 14.66 -20.24 8.31
N ASN B 34 14.08 -19.19 8.93
CA ASN B 34 14.36 -18.78 10.35
C ASN B 34 15.83 -18.71 10.79
N GLU B 35 16.74 -18.52 9.86
CA GLU B 35 18.14 -18.39 10.22
C GLU B 35 18.69 -17.16 9.49
N THR B 36 19.61 -16.48 10.14
CA THR B 36 20.15 -15.24 9.57
C THR B 36 20.82 -15.54 8.24
N ALA B 37 20.41 -14.82 7.19
CA ALA B 37 20.97 -14.95 5.88
C ALA B 37 21.82 -13.73 5.42
N ALA B 38 21.54 -12.54 5.98
CA ALA B 38 22.29 -11.32 5.69
C ALA B 38 22.25 -10.40 6.93
N THR B 39 23.35 -9.70 7.15
CA THR B 39 23.42 -8.72 8.22
C THR B 39 24.09 -7.46 7.70
N PHE B 40 23.45 -6.32 7.90
CA PHE B 40 23.93 -5.02 7.49
C PHE B 40 24.08 -4.16 8.70
N SER B 41 25.21 -3.45 8.78
N SER B 41 25.18 -3.44 8.78
CA SER B 41 25.42 -2.50 9.86
CA SER B 41 25.31 -2.47 9.84
C SER B 41 25.96 -1.22 9.30
C SER B 41 25.95 -1.23 9.32
N GLY B 42 25.42 -0.09 9.73
CA GLY B 42 25.93 1.19 9.28
C GLY B 42 25.25 2.30 10.02
N GLN B 43 25.74 3.51 9.78
CA GLN B 43 25.22 4.71 10.35
C GLN B 43 25.14 5.80 9.27
N SER B 44 24.02 6.53 9.29
CA SER B 44 23.81 7.73 8.45
C SER B 44 22.59 8.49 8.97
N THR B 45 22.56 9.83 8.81
CA THR B 45 21.35 10.65 8.95
C THR B 45 20.94 11.23 7.62
N ASN B 46 21.52 10.67 6.55
CA ASN B 46 21.28 11.09 5.18
C ASN B 46 20.85 9.96 4.25
N ASN B 47 20.16 8.98 4.81
CA ASN B 47 19.58 7.89 4.01
C ASN B 47 20.57 7.04 3.26
N ALA B 48 21.80 6.98 3.74
CA ALA B 48 22.79 6.12 3.07
C ALA B 48 22.37 4.68 3.05
N VAL B 49 22.72 4.04 1.94
CA VAL B 49 22.52 2.61 1.78
C VAL B 49 23.53 1.91 2.67
N ILE B 50 23.07 1.17 3.65
CA ILE B 50 23.99 0.46 4.56
C ILE B 50 24.11 -1.02 4.20
N GLY B 51 23.33 -1.49 3.24
CA GLY B 51 23.50 -2.81 2.69
C GLY B 51 22.48 -3.08 1.62
N THR B 52 22.87 -3.91 0.67
CA THR B 52 21.97 -4.41 -0.37
C THR B 52 22.47 -5.77 -0.80
N GLN B 53 21.55 -6.70 -1.00
CA GLN B 53 21.90 -8.05 -1.33
C GLN B 53 20.72 -8.74 -2.00
N VAL B 54 20.99 -9.85 -2.65
CA VAL B 54 19.94 -10.69 -3.20
C VAL B 54 19.95 -12.02 -2.45
N LEU B 55 18.78 -12.40 -1.94
CA LEU B 55 18.60 -13.65 -1.17
C LEU B 55 17.54 -14.52 -1.77
N ASN B 56 17.47 -15.77 -1.30
CA ASN B 56 16.51 -16.75 -1.82
C ASN B 56 15.51 -17.04 -0.72
N SER B 57 14.21 -16.92 -0.99
CA SER B 57 13.17 -17.09 0.02
C SER B 57 13.02 -18.55 0.52
N GLY B 58 13.56 -19.51 -0.21
CA GLY B 58 13.71 -20.87 0.25
C GLY B 58 12.39 -21.58 0.28
N SER B 59 12.37 -22.78 0.86
CA SER B 59 11.19 -23.66 0.73
C SER B 59 9.93 -23.11 1.39
N SER B 60 10.05 -22.38 2.51
CA SER B 60 8.90 -21.83 3.21
C SER B 60 8.44 -20.50 2.61
N GLY B 61 9.36 -19.80 1.98
CA GLY B 61 9.10 -18.42 1.58
C GLY B 61 9.16 -17.41 2.70
N LYS B 62 9.41 -17.84 3.95
CA LYS B 62 9.37 -16.92 5.11
C LYS B 62 10.59 -16.04 5.24
N VAL B 63 10.37 -14.74 5.15
CA VAL B 63 11.41 -13.75 5.32
C VAL B 63 11.10 -12.86 6.49
N GLN B 64 12.11 -12.63 7.35
CA GLN B 64 11.97 -11.78 8.50
C GLN B 64 13.10 -10.76 8.56
N VAL B 65 12.75 -9.51 8.85
CA VAL B 65 13.69 -8.42 9.07
C VAL B 65 13.63 -8.04 10.54
N GLN B 66 14.80 -7.92 11.15
CA GLN B 66 14.92 -7.46 12.52
C GLN B 66 15.91 -6.33 12.49
N VAL B 67 15.71 -5.34 13.33
CA VAL B 67 16.58 -4.16 13.44
C VAL B 67 16.87 -3.91 14.93
N SER B 68 18.14 -3.67 15.27
CA SER B 68 18.54 -3.34 16.63
C SER B 68 19.62 -2.26 16.64
N VAL B 69 19.64 -1.50 17.72
CA VAL B 69 20.55 -0.37 17.88
C VAL B 69 21.10 -0.47 19.27
N ASN B 70 22.40 -0.27 19.45
CA ASN B 70 22.99 -0.43 20.80
C ASN B 70 22.45 -1.70 21.53
N GLY B 71 22.29 -2.79 20.78
CA GLY B 71 21.78 -4.05 21.31
C GLY B 71 20.30 -4.18 21.66
N ARG B 72 19.52 -3.12 21.43
N ARG B 72 19.51 -3.11 21.47
CA ARG B 72 18.08 -3.11 21.75
CA ARG B 72 18.08 -3.13 21.78
C ARG B 72 17.29 -3.21 20.44
C ARG B 72 17.29 -3.22 20.46
N PRO B 73 16.34 -4.16 20.36
CA PRO B 73 15.50 -4.22 19.17
C PRO B 73 14.66 -2.95 18.98
N SER B 74 14.62 -2.44 17.75
CA SER B 74 13.84 -1.26 17.44
C SER B 74 12.41 -1.71 17.24
N ASP B 75 11.51 -0.75 17.37
CA ASP B 75 10.07 -1.02 17.09
C ASP B 75 9.80 -1.03 15.58
N LEU B 76 9.20 -2.08 15.05
CA LEU B 76 9.02 -2.21 13.61
C LEU B 76 7.65 -1.84 13.12
N VAL B 77 7.60 -1.32 11.90
CA VAL B 77 6.34 -1.21 11.19
C VAL B 77 6.57 -1.76 9.77
N SER B 78 5.57 -2.35 9.14
CA SER B 78 5.77 -2.94 7.83
C SER B 78 4.45 -3.12 7.10
N ALA B 79 4.56 -3.32 5.79
CA ALA B 79 3.42 -3.73 4.96
C ALA B 79 3.97 -4.22 3.59
N GLN B 80 3.10 -4.88 2.81
N GLN B 80 3.09 -4.85 2.81
CA GLN B 80 3.44 -5.35 1.44
CA GLN B 80 3.43 -5.28 1.46
C GLN B 80 2.50 -4.65 0.50
C GLN B 80 2.50 -4.62 0.50
N VAL B 81 3.04 -4.21 -0.63
CA VAL B 81 2.27 -3.58 -1.69
C VAL B 81 2.58 -4.26 -3.02
N ILE B 82 1.53 -4.50 -3.82
CA ILE B 82 1.70 -5.15 -5.11
C ILE B 82 1.14 -4.20 -6.14
N LEU B 83 1.97 -3.90 -7.14
CA LEU B 83 1.59 -3.08 -8.29
C LEU B 83 1.36 -3.94 -9.53
N THR B 84 0.33 -3.59 -10.27
CA THR B 84 -0.17 -4.28 -11.49
C THR B 84 -0.12 -5.81 -11.35
N ASN B 85 -0.51 -6.29 -10.16
CA ASN B 85 -0.58 -7.73 -9.83
C ASN B 85 0.71 -8.48 -10.11
N GLU B 86 1.83 -7.80 -10.05
CA GLU B 86 3.12 -8.36 -10.47
C GLU B 86 4.31 -7.92 -9.65
N LEU B 87 4.41 -6.63 -9.36
CA LEU B 87 5.64 -6.11 -8.77
C LEU B 87 5.40 -5.97 -7.29
N ASN B 88 6.19 -6.67 -6.47
CA ASN B 88 5.97 -6.74 -5.04
C ASN B 88 7.00 -5.95 -4.21
N PHE B 89 6.50 -5.20 -3.24
CA PHE B 89 7.37 -4.56 -2.26
C PHE B 89 6.99 -5.01 -0.87
N ALA B 90 7.96 -5.40 -0.06
CA ALA B 90 7.76 -5.58 1.38
C ALA B 90 8.58 -4.52 2.04
N LEU B 91 7.94 -3.71 2.84
CA LEU B 91 8.54 -2.48 3.35
C LEU B 91 8.59 -2.51 4.87
N VAL B 92 9.72 -2.06 5.42
CA VAL B 92 9.88 -2.01 6.84
C VAL B 92 10.45 -0.66 7.25
N GLY B 93 9.83 -0.09 8.27
CA GLY B 93 10.42 1.00 9.01
C GLY B 93 10.74 0.55 10.41
N SER B 94 11.55 1.37 11.06
CA SER B 94 11.92 1.08 12.45
C SER B 94 12.21 2.33 13.24
N GLU B 95 11.93 2.24 14.55
CA GLU B 95 12.10 3.40 15.47
C GLU B 95 12.97 2.99 16.65
N ASP B 96 14.08 3.69 16.82
CA ASP B 96 15.03 3.46 17.90
C ASP B 96 14.96 4.48 19.02
N GLY B 97 14.02 5.41 18.93
CA GLY B 97 13.90 6.60 19.83
C GLY B 97 12.50 7.07 20.13
N THR B 98 12.33 8.38 20.18
CA THR B 98 11.11 9.06 20.63
C THR B 98 10.40 9.88 19.56
N ASP B 99 11.08 10.25 18.47
CA ASP B 99 10.47 11.13 17.49
C ASP B 99 9.43 10.42 16.61
N ASN B 100 9.40 9.08 16.62
CA ASN B 100 8.46 8.30 15.78
C ASN B 100 8.48 8.66 14.28
N ASP B 101 9.66 8.96 13.78
CA ASP B 101 9.82 9.08 12.36
C ASP B 101 9.85 7.70 11.68
N TYR B 102 10.18 6.64 12.42
CA TYR B 102 10.19 5.28 11.86
C TYR B 102 11.08 5.11 10.62
N ASN B 103 12.08 5.96 10.48
CA ASN B 103 13.00 5.86 9.39
C ASN B 103 14.41 5.47 9.81
N ASP B 104 14.58 5.03 11.07
CA ASP B 104 15.92 4.98 11.62
C ASP B 104 16.78 3.92 10.90
N ALA B 105 16.15 2.78 10.61
CA ALA B 105 16.52 1.90 9.50
C ALA B 105 15.27 1.64 8.69
N VAL B 106 15.41 1.83 7.39
CA VAL B 106 14.32 1.52 6.45
C VAL B 106 14.81 0.36 5.60
N VAL B 107 13.96 -0.64 5.41
CA VAL B 107 14.32 -1.80 4.62
C VAL B 107 13.30 -2.00 3.50
N VAL B 108 13.81 -2.12 2.31
CA VAL B 108 13.00 -2.38 1.10
C VAL B 108 13.32 -3.79 0.60
N ILE B 109 12.30 -4.63 0.55
CA ILE B 109 12.39 -5.91 -0.10
C ILE B 109 11.59 -5.86 -1.40
N ASN B 110 12.18 -6.33 -2.50
CA ASN B 110 11.45 -6.33 -3.76
C ASN B 110 11.63 -7.58 -4.58
N TRP B 111 10.53 -8.01 -5.22
CA TRP B 111 10.56 -9.16 -6.12
C TRP B 111 9.43 -9.04 -7.11
N PRO B 112 9.45 -9.78 -8.23
CA PRO B 112 10.59 -10.60 -8.70
C PRO B 112 11.75 -9.78 -9.17
N LEU B 113 12.90 -10.46 -9.25
CA LEU B 113 14.07 -9.90 -9.89
C LEU B 113 14.19 -10.40 -11.35
N GLY B 114 15.20 -9.93 -12.05
CA GLY B 114 15.56 -10.48 -13.36
C GLY B 114 14.98 -9.73 -14.51
N ALA C 1 -0.17 0.21 -17.57
CA ALA C 1 -0.23 -1.17 -17.07
C ALA C 1 -1.66 -1.62 -16.82
N THR C 2 -1.89 -2.93 -16.92
CA THR C 2 -3.22 -3.47 -16.58
C THR C 2 -3.58 -3.05 -15.12
N GLN C 3 -4.86 -2.72 -14.89
CA GLN C 3 -5.31 -2.32 -13.59
C GLN C 3 -6.60 -3.11 -13.35
N GLY C 4 -6.92 -3.34 -12.09
CA GLY C 4 -8.18 -3.99 -11.73
C GLY C 4 -8.16 -5.53 -11.85
N VAL C 5 -6.97 -6.14 -12.00
CA VAL C 5 -6.84 -7.61 -12.09
C VAL C 5 -5.97 -8.05 -10.94
N PHE C 6 -6.47 -9.04 -10.23
CA PHE C 6 -5.81 -9.50 -9.00
C PHE C 6 -5.80 -11.00 -8.98
N THR C 7 -4.67 -11.58 -8.61
CA THR C 7 -4.59 -13.01 -8.37
C THR C 7 -4.76 -13.29 -6.89
N LEU C 8 -5.94 -13.81 -6.51
CA LEU C 8 -6.20 -14.21 -5.16
C LEU C 8 -5.71 -15.63 -4.95
N PRO C 9 -5.60 -16.03 -3.67
CA PRO C 9 -5.49 -17.47 -3.45
C PRO C 9 -6.68 -18.19 -4.00
N ALA C 10 -6.45 -19.37 -4.58
CA ALA C 10 -7.50 -20.14 -5.23
C ALA C 10 -8.58 -20.60 -4.25
N ASN C 11 -9.78 -20.82 -4.78
CA ASN C 11 -10.89 -21.35 -3.99
C ASN C 11 -11.11 -20.67 -2.62
N THR C 12 -11.01 -19.34 -2.59
CA THR C 12 -11.09 -18.60 -1.36
C THR C 12 -12.23 -17.63 -1.46
N ARG C 13 -13.00 -17.55 -0.39
CA ARG C 13 -14.05 -16.53 -0.31
C ARG C 13 -13.43 -15.15 -0.12
N PHE C 14 -13.96 -14.19 -0.85
CA PHE C 14 -13.58 -12.78 -0.71
C PHE C 14 -14.79 -11.88 -0.74
N GLY C 15 -14.63 -10.73 -0.14
CA GLY C 15 -15.63 -9.68 -0.12
C GLY C 15 -15.36 -8.69 -1.24
N VAL C 16 -16.42 -8.24 -1.92
CA VAL C 16 -16.29 -7.15 -2.88
C VAL C 16 -17.38 -6.12 -2.65
N THR C 17 -16.97 -4.85 -2.51
CA THR C 17 -17.87 -3.79 -2.10
C THR C 17 -17.60 -2.56 -2.97
N ALA C 18 -18.65 -1.91 -3.45
CA ALA C 18 -18.47 -0.76 -4.32
C ALA C 18 -19.17 0.47 -3.75
N PHE C 19 -18.52 1.62 -3.90
CA PHE C 19 -19.00 2.92 -3.45
C PHE C 19 -19.11 3.84 -4.65
N ALA C 20 -20.11 4.71 -4.66
CA ALA C 20 -20.28 5.69 -5.74
C ALA C 20 -20.10 7.13 -5.30
N ASN C 21 -19.39 7.90 -6.10
CA ASN C 21 -19.22 9.35 -5.88
C ASN C 21 -19.22 10.05 -7.26
N SER C 22 -20.39 10.16 -7.85
CA SER C 22 -20.48 10.70 -9.21
C SER C 22 -21.91 11.04 -9.55
N SER C 23 -22.08 12.00 -10.47
N SER C 23 -22.11 11.99 -10.46
CA SER C 23 -23.43 12.32 -10.92
CA SER C 23 -23.46 12.30 -10.94
C SER C 23 -24.07 11.16 -11.70
C SER C 23 -24.09 11.13 -11.68
N GLY C 24 -23.27 10.30 -12.33
CA GLY C 24 -23.80 9.21 -13.15
C GLY C 24 -23.94 7.89 -12.41
N THR C 25 -24.85 7.05 -12.88
CA THR C 25 -24.97 5.70 -12.39
C THR C 25 -23.71 4.93 -12.76
N GLN C 26 -23.11 4.30 -11.76
CA GLN C 26 -21.88 3.55 -11.98
C GLN C 26 -22.27 2.11 -12.18
N THR C 27 -21.55 1.42 -13.07
CA THR C 27 -21.71 -0.02 -13.20
C THR C 27 -20.39 -0.69 -12.95
N VAL C 28 -20.40 -1.58 -11.97
CA VAL C 28 -19.22 -2.31 -11.60
C VAL C 28 -19.41 -3.77 -11.90
N ASN C 29 -18.51 -4.36 -12.70
CA ASN C 29 -18.54 -5.79 -12.95
C ASN C 29 -17.38 -6.46 -12.26
N VAL C 30 -17.65 -7.59 -11.62
CA VAL C 30 -16.62 -8.34 -10.96
C VAL C 30 -16.59 -9.70 -11.64
N LEU C 31 -15.46 -9.97 -12.29
CA LEU C 31 -15.24 -11.22 -13.03
C LEU C 31 -14.37 -12.16 -12.23
N VAL C 32 -14.73 -13.44 -12.25
CA VAL C 32 -13.91 -14.49 -11.65
C VAL C 32 -13.65 -15.48 -12.77
N ASN C 33 -12.38 -15.88 -12.98
CA ASN C 33 -12.01 -16.67 -14.15
C ASN C 33 -12.62 -16.19 -15.47
N ASN C 34 -12.56 -14.89 -15.70
CA ASN C 34 -12.96 -14.25 -16.94
C ASN C 34 -14.43 -14.33 -17.23
N GLU C 35 -15.25 -14.59 -16.21
CA GLU C 35 -16.68 -14.56 -16.41
C GLU C 35 -17.30 -13.70 -15.28
N THR C 36 -18.24 -12.85 -15.63
CA THR C 36 -18.88 -11.95 -14.67
C THR C 36 -19.65 -12.72 -13.62
N ALA C 37 -19.29 -12.46 -12.37
CA ALA C 37 -19.87 -13.13 -11.21
C ALA C 37 -20.83 -12.26 -10.43
N ALA C 38 -20.60 -10.97 -10.44
CA ALA C 38 -21.45 -10.03 -9.71
C ALA C 38 -21.36 -8.70 -10.42
N THR C 39 -22.44 -7.94 -10.34
CA THR C 39 -22.51 -6.61 -10.95
C THR C 39 -23.28 -5.70 -10.04
N PHE C 40 -22.71 -4.52 -9.79
CA PHE C 40 -23.34 -3.56 -8.93
C PHE C 40 -23.58 -2.31 -9.74
N SER C 41 -24.77 -1.74 -9.59
N SER C 41 -24.78 -1.75 -9.62
CA SER C 41 -25.07 -0.45 -10.21
CA SER C 41 -25.08 -0.46 -10.25
C SER C 41 -25.78 0.45 -9.24
C SER C 41 -25.81 0.45 -9.29
N GLY C 42 -25.50 1.75 -9.34
CA GLY C 42 -26.16 2.71 -8.47
C GLY C 42 -25.55 4.05 -8.62
N GLN C 43 -26.19 5.04 -8.00
CA GLN C 43 -25.76 6.43 -8.14
C GLN C 43 -25.74 7.09 -6.76
N SER C 44 -24.65 7.76 -6.47
CA SER C 44 -24.51 8.56 -5.26
C SER C 44 -23.38 9.56 -5.46
N THR C 45 -23.51 10.73 -4.82
CA THR C 45 -22.36 11.66 -4.66
C THR C 45 -21.92 11.72 -3.20
N ASN C 46 -22.37 10.75 -2.39
CA ASN C 46 -22.08 10.74 -0.94
C ASN C 46 -21.57 9.37 -0.49
N ASN C 47 -20.86 8.69 -1.38
CA ASN C 47 -20.19 7.44 -1.03
C ASN C 47 -21.11 6.28 -0.67
N ALA C 48 -22.31 6.27 -1.20
CA ALA C 48 -23.21 5.17 -0.92
C ALA C 48 -22.62 3.84 -1.36
N VAL C 49 -22.87 2.79 -0.57
CA VAL C 49 -22.51 1.44 -0.96
C VAL C 49 -23.53 0.99 -2.02
N ILE C 50 -23.09 0.87 -3.25
CA ILE C 50 -23.96 0.46 -4.37
C ILE C 50 -24.03 -1.05 -4.53
N GLY C 51 -23.15 -1.76 -3.85
CA GLY C 51 -23.28 -3.21 -3.79
C GLY C 51 -22.20 -3.79 -2.90
N THR C 52 -22.48 -4.97 -2.36
CA THR C 52 -21.51 -5.74 -1.60
C THR C 52 -21.89 -7.20 -1.75
N GLN C 53 -20.93 -8.09 -1.86
CA GLN C 53 -21.21 -9.52 -2.10
C GLN C 53 -20.02 -10.34 -1.69
N VAL C 54 -20.26 -11.59 -1.30
CA VAL C 54 -19.18 -12.55 -1.08
C VAL C 54 -19.09 -13.45 -2.30
N LEU C 55 -17.89 -13.64 -2.80
CA LEU C 55 -17.64 -14.46 -3.98
C LEU C 55 -16.53 -15.44 -3.65
N ASN C 56 -16.39 -16.44 -4.51
CA ASN C 56 -15.31 -17.43 -4.41
C ASN C 56 -14.35 -17.25 -5.59
N SER C 57 -13.05 -17.16 -5.28
CA SER C 57 -12.06 -16.93 -6.29
C SER C 57 -11.88 -18.11 -7.29
N GLY C 58 -12.41 -19.29 -6.94
CA GLY C 58 -12.41 -20.45 -7.83
C GLY C 58 -11.04 -21.01 -8.14
N SER C 59 -10.95 -21.91 -9.12
CA SER C 59 -9.73 -22.63 -9.35
C SER C 59 -8.54 -21.78 -9.79
N SER C 60 -8.82 -20.70 -10.55
CA SER C 60 -7.73 -19.82 -11.07
C SER C 60 -7.24 -18.75 -10.10
N GLY C 61 -8.12 -18.36 -9.18
CA GLY C 61 -7.94 -17.20 -8.34
C GLY C 61 -7.98 -15.87 -9.03
N LYS C 62 -8.24 -15.82 -10.34
CA LYS C 62 -8.22 -14.55 -11.06
C LYS C 62 -9.49 -13.78 -10.83
N VAL C 63 -9.35 -12.55 -10.33
CA VAL C 63 -10.48 -11.65 -10.14
C VAL C 63 -10.25 -10.35 -10.90
N GLN C 64 -11.25 -9.87 -11.63
CA GLN C 64 -11.12 -8.65 -12.39
C GLN C 64 -12.29 -7.74 -12.14
N VAL C 65 -11.97 -6.48 -11.94
CA VAL C 65 -12.96 -5.45 -11.75
C VAL C 65 -12.97 -4.51 -12.98
N GLN C 66 -14.15 -4.27 -13.54
CA GLN C 66 -14.31 -3.33 -14.63
C GLN C 66 -15.38 -2.35 -14.18
N VAL C 67 -15.34 -1.12 -14.69
CA VAL C 67 -16.27 -0.06 -14.26
C VAL C 67 -16.66 0.67 -15.50
N SER C 68 -17.95 0.91 -15.68
CA SER C 68 -18.42 1.73 -16.79
C SER C 68 -19.54 2.65 -16.34
N VAL C 69 -19.77 3.68 -17.16
CA VAL C 69 -20.90 4.57 -16.95
C VAL C 69 -21.62 4.70 -18.24
N ASN C 70 -22.89 4.28 -18.28
N ASN C 70 -22.87 4.22 -18.26
CA ASN C 70 -23.68 4.31 -19.53
CA ASN C 70 -23.68 4.23 -19.50
C ASN C 70 -22.96 3.65 -20.72
C ASN C 70 -22.92 3.66 -20.70
N GLY C 71 -22.30 2.52 -20.47
CA GLY C 71 -21.55 1.84 -21.50
C GLY C 71 -20.15 2.34 -21.80
N ARG C 72 -19.72 3.46 -21.21
CA ARG C 72 -18.36 3.94 -21.42
C ARG C 72 -17.44 3.41 -20.33
N PRO C 73 -16.39 2.69 -20.69
CA PRO C 73 -15.49 2.25 -19.63
C PRO C 73 -14.77 3.40 -18.94
N SER C 74 -14.72 3.37 -17.62
CA SER C 74 -13.97 4.33 -16.86
C SER C 74 -12.50 3.91 -16.82
N ASP C 75 -11.65 4.88 -16.52
CA ASP C 75 -10.24 4.66 -16.39
C ASP C 75 -9.97 4.16 -15.01
N LEU C 76 -9.21 3.06 -14.90
CA LEU C 76 -9.01 2.40 -13.63
C LEU C 76 -7.62 2.64 -13.04
N VAL C 77 -7.59 2.68 -11.72
CA VAL C 77 -6.36 2.63 -10.97
C VAL C 77 -6.53 1.61 -9.85
N SER C 78 -5.47 0.90 -9.48
CA SER C 78 -5.59 -0.17 -8.51
C SER C 78 -4.27 -0.52 -7.88
N ALA C 79 -4.34 -1.19 -6.74
CA ALA C 79 -3.21 -1.83 -6.12
C ALA C 79 -3.68 -2.83 -5.09
N GLN C 80 -2.77 -3.69 -4.63
N GLN C 80 -2.75 -3.65 -4.60
CA GLN C 80 -3.02 -4.60 -3.51
CA GLN C 80 -2.99 -4.55 -3.49
C GLN C 80 -2.11 -4.25 -2.32
C GLN C 80 -2.12 -4.23 -2.32
N VAL C 81 -2.66 -4.38 -1.11
CA VAL C 81 -1.91 -4.12 0.16
C VAL C 81 -2.13 -5.30 1.09
N ILE C 82 -1.08 -5.72 1.81
CA ILE C 82 -1.19 -6.81 2.76
C ILE C 82 -0.64 -6.27 4.08
N LEU C 83 -1.48 -6.38 5.11
CA LEU C 83 -1.11 -5.98 6.49
C LEU C 83 -0.82 -7.20 7.34
N THR C 84 0.23 -7.09 8.15
CA THR C 84 0.78 -8.15 9.03
C THR C 84 0.82 -9.52 8.33
N ASN C 85 1.18 -9.50 7.06
CA ASN C 85 1.34 -10.72 6.29
C ASN C 85 0.09 -11.63 6.29
N GLU C 86 -1.11 -11.04 6.45
CA GLU C 86 -2.33 -11.82 6.68
C GLU C 86 -3.53 -11.20 6.00
N LEU C 87 -3.77 -9.92 6.21
CA LEU C 87 -4.97 -9.26 5.77
C LEU C 87 -4.73 -8.58 4.42
N ASN C 88 -5.50 -8.99 3.40
CA ASN C 88 -5.34 -8.52 2.02
C ASN C 88 -6.44 -7.58 1.55
N PHE C 89 -6.06 -6.47 0.91
CA PHE C 89 -6.96 -5.62 0.22
C PHE C 89 -6.55 -5.51 -1.25
N ALA C 90 -7.52 -5.56 -2.14
CA ALA C 90 -7.34 -5.19 -3.55
C ALA C 90 -8.26 -3.99 -3.79
N LEU C 91 -7.68 -2.87 -4.21
CA LEU C 91 -8.29 -1.60 -4.18
C LEU C 91 -8.37 -1.06 -5.60
N VAL C 92 -9.54 -0.56 -5.97
CA VAL C 92 -9.79 0.01 -7.27
C VAL C 92 -10.43 1.40 -7.13
N GLY C 93 -9.86 2.36 -7.85
CA GLY C 93 -10.52 3.63 -8.15
C GLY C 93 -10.84 3.71 -9.64
N SER C 94 -11.71 4.66 -9.97
CA SER C 94 -12.08 4.85 -11.36
C SER C 94 -12.48 6.28 -11.64
N GLU C 95 -12.23 6.72 -12.87
CA GLU C 95 -12.53 8.09 -13.27
C GLU C 95 -13.44 8.04 -14.50
N ASP C 96 -14.60 8.67 -14.40
CA ASP C 96 -15.62 8.64 -15.43
C ASP C 96 -15.69 9.97 -16.23
N GLY C 97 -14.84 10.92 -15.86
CA GLY C 97 -15.03 12.30 -16.29
C GLY C 97 -13.73 13.04 -16.34
N THR C 98 -13.80 14.35 -16.08
CA THR C 98 -12.67 15.22 -16.29
C THR C 98 -11.93 15.64 -15.02
N ASP C 99 -12.51 15.49 -13.82
CA ASP C 99 -11.85 16.07 -12.64
C ASP C 99 -10.74 15.24 -12.03
N ASN C 100 -10.62 14.00 -12.48
CA ASN C 100 -9.57 13.08 -11.99
C ASN C 100 -9.57 12.90 -10.48
N ASP C 101 -10.76 12.84 -9.88
CA ASP C 101 -10.81 12.46 -8.47
C ASP C 101 -10.68 10.94 -8.30
N TYR C 102 -10.93 10.18 -9.36
CA TYR C 102 -10.76 8.73 -9.30
C TYR C 102 -11.56 8.02 -8.20
N ASN C 103 -12.66 8.64 -7.78
CA ASN C 103 -13.54 8.06 -6.75
C ASN C 103 -14.92 7.74 -7.28
N ASP C 104 -15.08 7.77 -8.60
CA ASP C 104 -16.43 7.82 -9.15
C ASP C 104 -17.15 6.51 -8.86
N ALA C 105 -16.43 5.42 -9.04
CA ALA C 105 -16.75 4.16 -8.34
C ALA C 105 -15.47 3.73 -7.67
N VAL C 106 -15.57 3.39 -6.39
CA VAL C 106 -14.43 2.87 -5.62
C VAL C 106 -14.80 1.46 -5.26
N VAL C 107 -13.87 0.52 -5.46
CA VAL C 107 -14.15 -0.87 -5.20
C VAL C 107 -13.07 -1.45 -4.27
N VAL C 108 -13.53 -2.10 -3.21
CA VAL C 108 -12.69 -2.69 -2.20
C VAL C 108 -12.92 -4.20 -2.21
N ILE C 109 -11.84 -4.96 -2.43
CA ILE C 109 -11.87 -6.41 -2.32
C ILE C 109 -11.05 -6.81 -1.09
N ASN C 110 -11.61 -7.67 -0.24
CA ASN C 110 -10.89 -8.08 0.96
C ASN C 110 -10.95 -9.57 1.19
N TRP C 111 -9.84 -10.10 1.67
CA TRP C 111 -9.74 -11.49 2.02
C TRP C 111 -8.63 -11.68 3.07
N PRO C 112 -8.61 -12.79 3.81
CA PRO C 112 -9.64 -13.80 3.86
C PRO C 112 -10.85 -13.36 4.64
N LEU C 113 -11.93 -14.12 4.48
CA LEU C 113 -13.13 -13.94 5.31
C LEU C 113 -13.21 -14.95 6.41
N GLY C 114 -14.21 -14.81 7.28
CA GLY C 114 -14.51 -15.83 8.29
C GLY C 114 -13.89 -15.54 9.62
N ALA D 1 4.21 0.08 17.21
CA ALA D 1 3.85 1.42 16.63
C ALA D 1 2.36 1.66 16.78
N THR D 2 1.99 2.92 16.87
CA THR D 2 0.59 3.27 16.88
C THR D 2 -0.05 2.82 15.57
N GLN D 3 -1.24 2.25 15.71
CA GLN D 3 -2.00 1.84 14.55
C GLN D 3 -3.40 2.39 14.67
N GLY D 4 -4.06 2.52 13.52
CA GLY D 4 -5.41 3.03 13.45
C GLY D 4 -5.63 4.51 13.62
N VAL D 5 -4.56 5.28 13.55
CA VAL D 5 -4.65 6.74 13.61
C VAL D 5 -4.14 7.34 12.30
N PHE D 6 -4.93 8.23 11.69
CA PHE D 6 -4.62 8.75 10.36
C PHE D 6 -4.80 10.26 10.33
N THR D 7 -3.85 10.97 9.75
CA THR D 7 -3.98 12.40 9.54
C THR D 7 -4.50 12.63 8.13
N LEU D 8 -5.79 12.96 8.04
CA LEU D 8 -6.42 13.30 6.79
C LEU D 8 -6.20 14.82 6.54
N PRO D 9 -6.35 15.27 5.29
CA PRO D 9 -6.46 16.72 5.05
C PRO D 9 -7.54 17.30 5.95
N ALA D 10 -7.32 18.49 6.52
CA ALA D 10 -8.27 19.04 7.49
C ALA D 10 -9.61 19.27 6.81
N ASN D 11 -10.69 19.18 7.57
CA ASN D 11 -12.03 19.64 7.10
C ASN D 11 -12.55 18.94 5.85
N THR D 12 -12.23 17.65 5.77
CA THR D 12 -12.49 16.85 4.58
C THR D 12 -13.45 15.74 4.88
N ARG D 13 -14.42 15.56 3.99
CA ARG D 13 -15.38 14.49 4.18
C ARG D 13 -14.75 13.21 3.74
N PHE D 14 -15.12 12.17 4.46
CA PHE D 14 -14.56 10.85 4.23
C PHE D 14 -15.55 9.79 4.53
N GLY D 15 -15.45 8.68 3.82
CA GLY D 15 -16.21 7.50 4.15
C GLY D 15 -15.49 6.58 5.10
N VAL D 16 -16.28 5.95 5.97
CA VAL D 16 -15.75 4.92 6.85
C VAL D 16 -16.72 3.77 6.85
N THR D 17 -16.20 2.58 6.63
CA THR D 17 -16.99 1.37 6.44
C THR D 17 -16.32 0.21 7.19
N ALA D 18 -17.11 -0.52 7.95
CA ALA D 18 -16.62 -1.63 8.78
C ALA D 18 -17.26 -2.93 8.35
N PHE D 19 -16.40 -3.95 8.34
CA PHE D 19 -16.80 -5.33 7.97
C PHE D 19 -16.52 -6.22 9.17
N ALA D 20 -17.31 -7.25 9.41
CA ALA D 20 -17.07 -8.19 10.50
C ALA D 20 -16.81 -9.61 10.00
N ASN D 21 -15.84 -10.28 10.62
CA ASN D 21 -15.49 -11.68 10.27
C ASN D 21 -15.00 -12.40 11.53
N SER D 22 -15.92 -12.73 12.43
CA SER D 22 -15.55 -13.25 13.76
C SER D 22 -16.75 -13.90 14.41
N SER D 23 -16.50 -14.88 15.28
CA SER D 23 -17.60 -15.43 16.09
C SER D 23 -18.19 -14.42 17.09
N GLY D 24 -17.45 -13.36 17.42
CA GLY D 24 -17.91 -12.38 18.42
C GLY D 24 -18.41 -11.11 17.81
N THR D 25 -19.35 -10.47 18.48
CA THR D 25 -19.77 -9.12 18.15
C THR D 25 -18.64 -8.12 18.19
N GLN D 26 -18.43 -7.47 17.07
CA GLN D 26 -17.45 -6.40 16.94
C GLN D 26 -18.07 -5.08 17.27
N THR D 27 -17.38 -4.23 18.05
CA THR D 27 -17.70 -2.82 18.21
C THR D 27 -16.62 -1.98 17.56
N VAL D 28 -16.99 -1.16 16.58
CA VAL D 28 -16.04 -0.26 15.90
C VAL D 28 -16.42 1.16 16.28
N ASN D 29 -15.46 1.89 16.82
CA ASN D 29 -15.65 3.30 17.12
C ASN D 29 -14.73 4.16 16.29
N VAL D 30 -15.29 5.22 15.70
CA VAL D 30 -14.56 6.11 14.81
C VAL D 30 -14.54 7.50 15.49
N LEU D 31 -13.34 7.98 15.77
CA LEU D 31 -13.18 9.27 16.44
C LEU D 31 -12.68 10.33 15.48
N VAL D 32 -13.28 11.52 15.57
CA VAL D 32 -12.75 12.75 14.99
C VAL D 32 -12.76 13.79 16.09
N ASN D 33 -11.86 14.75 16.04
CA ASN D 33 -11.74 15.77 17.09
C ASN D 33 -11.53 15.05 18.48
N ASN D 34 -10.83 13.90 18.49
CA ASN D 34 -10.72 13.01 19.65
C ASN D 34 -12.01 12.60 20.40
N GLU D 35 -13.14 12.60 19.71
CA GLU D 35 -14.46 12.24 20.27
C GLU D 35 -15.06 11.25 19.31
N THR D 36 -15.70 10.21 19.84
CA THR D 36 -16.41 9.29 19.01
C THR D 36 -17.44 10.00 18.14
N ALA D 37 -17.39 9.76 16.84
CA ALA D 37 -18.34 10.38 15.88
C ALA D 37 -19.16 9.35 15.11
N ALA D 38 -18.73 8.09 15.07
CA ALA D 38 -19.60 7.04 14.56
C ALA D 38 -19.31 5.75 15.26
N THR D 39 -20.33 4.95 15.49
N THR D 39 -20.33 4.94 15.48
CA THR D 39 -20.11 3.64 16.10
CA THR D 39 -20.11 3.64 16.10
C THR D 39 -20.92 2.57 15.37
C THR D 39 -20.93 2.57 15.37
N PHE D 40 -20.32 1.40 15.14
CA PHE D 40 -20.96 0.27 14.45
C PHE D 40 -20.75 -0.99 15.27
N SER D 41 -21.77 -1.86 15.37
CA SER D 41 -21.66 -3.13 16.07
C SER D 41 -22.25 -4.29 15.25
N GLY D 42 -21.68 -5.49 15.36
CA GLY D 42 -22.28 -6.60 14.67
C GLY D 42 -21.44 -7.85 14.72
N GLN D 43 -22.13 -8.98 14.57
CA GLN D 43 -21.50 -10.27 14.48
C GLN D 43 -21.76 -10.87 13.12
N SER D 44 -20.69 -11.26 12.44
CA SER D 44 -20.77 -11.94 11.16
C SER D 44 -19.51 -12.71 10.94
N THR D 45 -19.63 -13.87 10.27
CA THR D 45 -18.45 -14.55 9.69
C THR D 45 -18.42 -14.53 8.17
N ASN D 46 -19.25 -13.65 7.58
CA ASN D 46 -19.43 -13.50 6.13
C ASN D 46 -19.23 -12.08 5.64
N ASN D 47 -18.41 -11.33 6.36
CA ASN D 47 -17.97 -10.03 5.88
C ASN D 47 -19.09 -9.00 5.79
N ALA D 48 -20.09 -9.14 6.66
CA ALA D 48 -21.15 -8.15 6.74
C ALA D 48 -20.60 -6.75 6.83
N VAL D 49 -21.23 -5.82 6.12
CA VAL D 49 -20.95 -4.40 6.34
C VAL D 49 -21.73 -3.96 7.58
N ILE D 50 -21.06 -3.96 8.73
CA ILE D 50 -21.75 -3.64 10.01
C ILE D 50 -22.03 -2.16 10.15
N GLY D 51 -21.42 -1.33 9.33
CA GLY D 51 -21.82 0.07 9.21
C GLY D 51 -21.00 0.81 8.20
N THR D 52 -21.59 1.84 7.63
CA THR D 52 -20.85 2.80 6.82
C THR D 52 -21.39 4.20 7.09
N GLN D 53 -20.51 5.19 7.11
CA GLN D 53 -20.94 6.55 7.41
C GLN D 53 -20.01 7.54 6.72
N VAL D 54 -20.50 8.74 6.42
CA VAL D 54 -19.60 9.81 6.03
C VAL D 54 -19.36 10.77 7.18
N LEU D 55 -18.10 11.12 7.40
CA LEU D 55 -17.73 12.00 8.52
C LEU D 55 -16.83 13.12 7.98
N ASN D 56 -16.48 14.07 8.86
CA ASN D 56 -15.66 15.21 8.49
C ASN D 56 -14.41 15.17 9.35
N SER D 57 -13.23 15.25 8.75
CA SER D 57 -11.98 15.08 9.50
C SER D 57 -11.69 16.26 10.47
N GLY D 58 -12.39 17.38 10.25
CA GLY D 58 -12.39 18.54 11.16
C GLY D 58 -11.06 19.26 11.15
N SER D 59 -10.84 20.14 12.13
CA SER D 59 -9.69 21.05 11.96
C SER D 59 -8.31 20.40 12.06
N SER D 60 -8.18 19.36 12.86
CA SER D 60 -6.90 18.66 13.01
C SER D 60 -6.65 17.63 11.95
N GLY D 61 -7.71 17.16 11.33
CA GLY D 61 -7.63 16.07 10.35
C GLY D 61 -7.41 14.72 10.99
N LYS D 62 -7.38 14.63 12.32
CA LYS D 62 -7.08 13.37 13.02
C LYS D 62 -8.28 12.45 13.13
N VAL D 63 -8.11 11.24 12.56
CA VAL D 63 -9.14 10.22 12.56
C VAL D 63 -8.54 8.98 13.24
N GLN D 64 -9.28 8.47 14.21
CA GLN D 64 -8.89 7.28 14.94
C GLN D 64 -9.95 6.21 14.87
N VAL D 65 -9.52 4.98 14.69
CA VAL D 65 -10.38 3.79 14.70
C VAL D 65 -10.03 2.92 15.89
N GLN D 66 -11.07 2.59 16.66
CA GLN D 66 -10.94 1.65 17.77
C GLN D 66 -11.86 0.46 17.55
N VAL D 67 -11.37 -0.74 17.85
CA VAL D 67 -12.16 -1.96 17.77
C VAL D 67 -12.06 -2.69 19.11
N SER D 68 -13.21 -3.13 19.62
CA SER D 68 -13.24 -3.97 20.80
C SER D 68 -14.31 -5.03 20.67
N VAL D 69 -14.12 -6.12 21.42
CA VAL D 69 -15.10 -7.19 21.47
C VAL D 69 -15.50 -7.34 22.95
N ASN D 70 -16.75 -6.98 23.23
CA ASN D 70 -17.28 -6.93 24.58
C ASN D 70 -16.30 -6.38 25.57
N GLY D 71 -15.85 -5.17 25.31
CA GLY D 71 -14.99 -4.47 26.25
C GLY D 71 -13.51 -4.65 26.00
N ARG D 72 -13.07 -5.75 25.37
CA ARG D 72 -11.65 -6.01 25.22
C ARG D 72 -11.15 -5.37 23.92
N PRO D 73 -10.21 -4.45 24.00
CA PRO D 73 -9.66 -3.92 22.74
C PRO D 73 -8.96 -4.98 21.90
N SER D 74 -9.23 -4.99 20.60
CA SER D 74 -8.56 -5.83 19.65
C SER D 74 -7.22 -5.19 19.30
N ASP D 75 -6.31 -6.02 18.82
CA ASP D 75 -5.03 -5.53 18.35
C ASP D 75 -5.21 -5.02 16.94
N LEU D 76 -4.72 -3.81 16.66
CA LEU D 76 -4.90 -3.21 15.35
C LEU D 76 -3.66 -3.28 14.48
N VAL D 77 -3.92 -3.27 13.16
CA VAL D 77 -2.91 -3.12 12.16
C VAL D 77 -3.49 -2.16 11.12
N SER D 78 -2.65 -1.33 10.52
CA SER D 78 -3.14 -0.32 9.61
C SER D 78 -2.07 0.20 8.66
N ALA D 79 -2.52 0.83 7.60
CA ALA D 79 -1.68 1.57 6.68
C ALA D 79 -2.54 2.47 5.80
N GLN D 80 -1.90 3.43 5.12
N GLN D 80 -1.90 3.38 5.09
CA GLN D 80 -2.59 4.29 4.16
CA GLN D 80 -2.60 4.21 4.15
C GLN D 80 -1.98 4.04 2.78
C GLN D 80 -1.99 4.01 2.79
N VAL D 81 -2.82 4.06 1.75
CA VAL D 81 -2.38 3.92 0.36
C VAL D 81 -2.99 5.02 -0.48
N ILE D 82 -2.20 5.54 -1.41
CA ILE D 82 -2.67 6.61 -2.33
C ILE D 82 -2.46 6.12 -3.74
N LEU D 83 -3.52 6.15 -4.54
CA LEU D 83 -3.48 5.81 -5.99
C LEU D 83 -3.53 7.09 -6.81
N THR D 84 -2.71 7.09 -7.84
CA THR D 84 -2.60 8.19 -8.82
C THR D 84 -2.52 9.55 -8.16
N ASN D 85 -1.81 9.58 -7.04
CA ASN D 85 -1.59 10.80 -6.31
C ASN D 85 -2.84 11.56 -5.91
N GLU D 86 -3.95 10.84 -5.75
CA GLU D 86 -5.24 11.46 -5.55
C GLU D 86 -6.21 10.68 -4.64
N LEU D 87 -6.33 9.39 -4.88
CA LEU D 87 -7.36 8.59 -4.23
C LEU D 87 -6.75 7.94 -3.01
N ASN D 88 -7.36 8.19 -1.84
CA ASN D 88 -6.78 7.78 -0.57
C ASN D 88 -7.60 6.72 0.13
N PHE D 89 -6.89 5.73 0.65
CA PHE D 89 -7.48 4.72 1.52
C PHE D 89 -6.70 4.66 2.81
N ALA D 90 -7.40 4.63 3.93
CA ALA D 90 -6.77 4.31 5.21
C ALA D 90 -7.42 2.99 5.63
N LEU D 91 -6.57 2.01 5.94
CA LEU D 91 -6.99 0.63 6.05
C LEU D 91 -6.70 0.16 7.44
N VAL D 92 -7.67 -0.54 8.03
CA VAL D 92 -7.49 -1.13 9.38
C VAL D 92 -7.88 -2.59 9.40
N GLY D 93 -7.02 -3.41 9.96
CA GLY D 93 -7.39 -4.74 10.40
C GLY D 93 -7.29 -4.89 11.89
N SER D 94 -7.88 -5.98 12.38
CA SER D 94 -7.95 -6.15 13.82
C SER D 94 -8.10 -7.58 14.20
N GLU D 95 -7.47 -7.95 15.32
CA GLU D 95 -7.49 -9.34 15.80
C GLU D 95 -8.03 -9.41 17.19
N ASP D 96 -9.08 -10.21 17.37
CA ASP D 96 -9.70 -10.39 18.65
C ASP D 96 -9.28 -11.72 19.32
N GLY D 97 -8.45 -12.52 18.66
CA GLY D 97 -8.22 -13.91 19.07
C GLY D 97 -6.80 -14.38 18.83
N THR D 98 -6.67 -15.70 18.64
CA THR D 98 -5.35 -16.37 18.45
C THR D 98 -4.99 -16.69 16.98
N ASP D 99 -5.94 -16.65 16.07
CA ASP D 99 -5.63 -17.07 14.71
C ASP D 99 -4.87 -16.10 13.83
N ASN D 100 -4.77 -14.83 14.24
CA ASN D 100 -4.08 -13.81 13.50
C ASN D 100 -4.52 -13.67 12.04
N ASP D 101 -5.82 -13.83 11.76
CA ASP D 101 -6.31 -13.46 10.46
C ASP D 101 -6.47 -11.97 10.28
N TYR D 102 -6.57 -11.25 11.39
CA TYR D 102 -6.68 -9.75 11.40
C TYR D 102 -7.83 -9.22 10.58
N ASN D 103 -8.88 -10.02 10.44
CA ASN D 103 -10.01 -9.63 9.64
C ASN D 103 -11.25 -9.50 10.54
N ASP D 104 -11.08 -9.58 11.85
CA ASP D 104 -12.21 -9.77 12.72
C ASP D 104 -13.18 -8.58 12.68
N ALA D 105 -12.59 -7.41 12.71
CA ALA D 105 -13.19 -6.19 12.16
C ALA D 105 -12.22 -5.56 11.22
N VAL D 106 -12.67 -5.31 9.98
CA VAL D 106 -11.88 -4.62 8.96
C VAL D 106 -12.53 -3.26 8.75
N VAL D 107 -11.75 -2.21 8.78
CA VAL D 107 -12.28 -0.87 8.55
C VAL D 107 -11.60 -0.18 7.36
N VAL D 108 -12.41 0.40 6.47
CA VAL D 108 -11.88 1.14 5.30
C VAL D 108 -12.35 2.57 5.37
N ILE D 109 -11.37 3.45 5.35
CA ILE D 109 -11.58 4.86 5.18
C ILE D 109 -11.17 5.31 3.78
N ASN D 110 -12.04 6.10 3.15
CA ASN D 110 -11.73 6.54 1.77
C ASN D 110 -12.09 8.02 1.58
N TRP D 111 -11.20 8.72 0.87
CA TRP D 111 -11.42 10.13 0.51
C TRP D 111 -10.61 10.43 -0.76
N PRO D 112 -10.96 11.48 -1.49
CA PRO D 112 -12.09 12.35 -1.31
C PRO D 112 -13.39 11.72 -1.78
N LEU D 113 -14.48 12.34 -1.35
CA LEU D 113 -15.85 11.96 -1.74
C LEU D 113 -16.37 12.97 -2.79
N GLY D 114 -17.58 12.68 -3.25
CA GLY D 114 -18.33 13.57 -4.15
C GLY D 114 -18.07 13.40 -5.62
#